data_1WAR
#
_entry.id   1WAR
#
_cell.length_a   80.538
_cell.length_b   80.538
_cell.length_c   99.998
_cell.angle_alpha   90.00
_cell.angle_beta   90.00
_cell.angle_gamma   90.00
#
_symmetry.space_group_name_H-M   'P 43 21 2'
#
loop_
_entity.id
_entity.type
_entity.pdbx_description
1 polymer 'HUMAN PURPLE ACID PHOSPHATASE'
2 non-polymer 'FE (III) ION'
3 non-polymer 'PHOSPHATE ION'
4 non-polymer 2-acetamido-2-deoxy-beta-D-glucopyranose
5 water water
#
_entity_poly.entity_id   1
_entity_poly.type   'polypeptide(L)'
_entity_poly.pdbx_seq_one_letter_code
;EAEAEFATPALRFVAVGDWGGVPNAPFHTAREMANAKEIARTVQILGADFILSLGDNFYFTGVQDINDKRFQETFEDVFS
DRSLRKVPWYVLAGNHDHLGNVSAQIAYSKISKRWNFPSPFYRLHFKIPQTNVSVAIFMLDTVTLCGNSDDFLSQQPERP
RDVKLARTQLSWLKKQLAAAREDYVLVAGHYPVWSIAEHGPTHCLVKQLRPLLATYGVTAYLCGHDHNLQYLQDENGVGY
VLSGAGNFMDPSKRHQRKVPNGYLRFHYGTEDSLGGFAYVEISSKEMTVTYIEASGKSLFKTRLPRRARP
;
_entity_poly.pdbx_strand_id   A
#
loop_
_chem_comp.id
_chem_comp.type
_chem_comp.name
_chem_comp.formula
FE non-polymer 'FE (III) ION' 'Fe 3'
NAG D-saccharide, beta linking 2-acetamido-2-deoxy-beta-D-glucopyranose 'C8 H15 N O6'
PO4 non-polymer 'PHOSPHATE ION' 'O4 P -3'
#
# COMPACT_ATOMS: atom_id res chain seq x y z
N GLU A 1 -34.24 21.52 5.50
CA GLU A 1 -33.85 22.95 5.69
C GLU A 1 -32.44 23.14 5.16
N ALA A 2 -32.20 24.32 4.59
CA ALA A 2 -30.91 24.63 3.99
C ALA A 2 -29.75 24.58 5.00
N GLU A 3 -30.01 24.94 6.25
CA GLU A 3 -28.96 25.10 7.27
C GLU A 3 -28.64 23.77 8.01
N ALA A 4 -29.43 22.74 7.75
CA ALA A 4 -29.20 21.44 8.40
C ALA A 4 -28.02 20.76 7.71
N GLU A 5 -27.00 20.47 8.51
CA GLU A 5 -25.74 19.92 8.02
C GLU A 5 -25.60 18.45 8.45
N PHE A 6 -25.58 17.55 7.47
CA PHE A 6 -25.29 16.12 7.70
C PHE A 6 -24.13 15.63 6.83
N ALA A 7 -23.06 15.18 7.47
CA ALA A 7 -21.91 14.66 6.76
C ALA A 7 -22.20 13.26 6.22
N THR A 8 -21.61 12.95 5.07
CA THR A 8 -21.59 11.58 4.57
C THR A 8 -20.48 10.81 5.31
N PRO A 9 -20.83 9.75 6.03
CA PRO A 9 -19.82 8.99 6.74
C PRO A 9 -18.86 8.29 5.77
N ALA A 10 -17.59 8.25 6.10
CA ALA A 10 -16.61 7.54 5.30
C ALA A 10 -15.47 7.01 6.16
N LEU A 11 -14.94 5.84 5.80
CA LEU A 11 -13.65 5.37 6.28
C LEU A 11 -12.59 6.01 5.40
N ARG A 12 -11.55 6.53 6.01
CA ARG A 12 -10.54 7.32 5.32
C ARG A 12 -9.17 6.81 5.66
N PHE A 13 -8.32 6.61 4.65
CA PHE A 13 -6.94 6.27 4.95
C PHE A 13 -5.96 6.74 3.90
N VAL A 14 -4.72 6.85 4.33
CA VAL A 14 -3.57 7.16 3.47
C VAL A 14 -2.82 5.89 3.12
N ALA A 15 -2.42 5.75 1.87
CA ALA A 15 -1.66 4.61 1.41
C ALA A 15 -0.37 5.12 0.83
N VAL A 16 0.73 4.75 1.49
CA VAL A 16 2.04 5.22 1.14
C VAL A 16 3.02 4.02 1.14
N GLY A 17 3.84 3.94 0.11
CA GLY A 17 4.83 2.91 -0.04
C GLY A 17 6.24 3.42 -0.26
N ASP A 18 7.20 2.57 0.05
CA ASP A 18 8.61 2.81 -0.27
C ASP A 18 9.10 4.12 0.31
N TRP A 19 8.80 4.33 1.59
CA TRP A 19 9.14 5.58 2.27
C TRP A 19 10.42 5.48 3.13
N GLY A 20 11.08 4.35 3.13
CA GLY A 20 12.08 4.02 4.15
C GLY A 20 13.45 4.73 4.14
N GLY A 21 13.49 5.98 3.71
CA GLY A 21 14.67 6.81 3.92
C GLY A 21 15.94 6.27 3.24
N VAL A 22 17.07 6.40 3.93
CA VAL A 22 18.38 5.92 3.44
C VAL A 22 19.18 5.30 4.57
N PRO A 23 20.11 4.39 4.27
CA PRO A 23 20.90 3.72 5.31
C PRO A 23 22.03 4.55 5.97
N ASN A 24 22.36 5.72 5.41
CA ASN A 24 23.38 6.62 5.97
C ASN A 24 22.72 7.86 6.52
N ALA A 25 23.34 8.45 7.54
CA ALA A 25 22.86 9.68 8.18
C ALA A 25 22.50 10.77 7.15
N PRO A 26 21.42 11.52 7.36
CA PRO A 26 20.57 11.44 8.57
C PRO A 26 19.38 10.43 8.50
N PHE A 27 19.45 9.41 7.64
CA PHE A 27 18.53 8.26 7.65
C PHE A 27 17.14 8.59 7.07
N HIS A 28 17.07 9.70 6.34
CA HIS A 28 15.86 10.15 5.65
C HIS A 28 16.21 11.08 4.49
N THR A 29 15.23 11.36 3.64
CA THR A 29 15.44 12.18 2.45
C THR A 29 14.52 13.41 2.42
N ALA A 30 14.83 14.35 1.52
CA ALA A 30 13.99 15.52 1.29
C ALA A 30 12.58 15.05 0.89
N ARG A 31 12.49 14.00 0.08
CA ARG A 31 11.21 13.44 -0.32
C ARG A 31 10.41 12.81 0.83
N GLU A 32 11.07 12.03 1.70
CA GLU A 32 10.39 11.39 2.82
C GLU A 32 9.79 12.44 3.75
N MET A 33 10.54 13.50 4.01
CA MET A 33 10.11 14.57 4.92
C MET A 33 9.00 15.39 4.27
N ALA A 34 9.13 15.73 2.98
CA ALA A 34 8.04 16.44 2.31
C ALA A 34 6.74 15.63 2.40
N ASN A 35 6.79 14.31 2.17
CA ASN A 35 5.59 13.48 2.22
C ASN A 35 5.04 13.36 3.65
N ALA A 36 5.91 13.31 4.62
CA ALA A 36 5.46 13.22 6.00
C ALA A 36 4.62 14.45 6.34
N LYS A 37 5.08 15.61 5.87
CA LYS A 37 4.40 16.90 6.07
C LYS A 37 3.06 16.96 5.33
N GLU A 38 3.03 16.58 4.05
CA GLU A 38 1.78 16.64 3.32
C GLU A 38 0.78 15.60 3.83
N ILE A 39 1.28 14.46 4.30
CA ILE A 39 0.42 13.47 4.93
C ILE A 39 -0.22 14.01 6.22
N ALA A 40 0.59 14.68 7.02
CA ALA A 40 0.08 15.36 8.20
C ALA A 40 -0.98 16.44 7.85
N ARG A 41 -0.72 17.26 6.84
CA ARG A 41 -1.70 18.26 6.45
C ARG A 41 -3.01 17.60 5.99
N THR A 42 -2.89 16.50 5.26
CA THR A 42 -4.05 15.77 4.74
C THR A 42 -4.89 15.18 5.87
N VAL A 43 -4.23 14.71 6.92
CA VAL A 43 -4.94 14.14 8.06
C VAL A 43 -5.66 15.26 8.79
N GLN A 44 -5.05 16.42 8.84
CA GLN A 44 -5.58 17.53 9.60
C GLN A 44 -6.74 18.25 8.86
N ILE A 45 -6.81 18.16 7.53
CA ILE A 45 -7.86 18.83 6.79
C ILE A 45 -8.96 17.84 6.42
N LEU A 46 -8.58 16.69 5.87
CA LEU A 46 -9.57 15.72 5.40
C LEU A 46 -9.90 14.59 6.42
N GLY A 47 -8.95 14.28 7.31
CA GLY A 47 -9.10 13.22 8.30
C GLY A 47 -8.51 11.91 7.78
N ALA A 48 -8.17 11.02 8.71
CA ALA A 48 -7.74 9.67 8.37
C ALA A 48 -7.89 8.79 9.59
N ASP A 49 -8.46 7.61 9.37
CA ASP A 49 -8.65 6.64 10.42
C ASP A 49 -7.38 5.81 10.61
N PHE A 50 -6.62 5.60 9.54
CA PHE A 50 -5.34 4.93 9.64
C PHE A 50 -4.45 5.22 8.44
N ILE A 51 -3.22 4.79 8.55
CA ILE A 51 -2.26 4.84 7.47
C ILE A 51 -1.83 3.40 7.13
N LEU A 52 -1.78 3.10 5.84
CA LEU A 52 -1.39 1.80 5.33
C LEU A 52 0.00 1.92 4.69
N SER A 53 0.97 1.16 5.20
CA SER A 53 2.26 1.12 4.57
C SER A 53 2.34 -0.03 3.58
N LEU A 54 2.83 0.24 2.38
CA LEU A 54 2.90 -0.75 1.32
C LEU A 54 4.31 -1.33 1.09
N GLY A 55 5.15 -1.28 2.12
CA GLY A 55 6.40 -2.03 2.14
C GLY A 55 7.60 -1.20 1.71
N ASP A 56 8.79 -1.80 1.88
CA ASP A 56 10.06 -1.11 1.76
C ASP A 56 10.11 0.02 2.77
N ASN A 57 9.96 -0.41 4.02
CA ASN A 57 9.81 0.50 5.14
C ASN A 57 11.12 1.07 5.61
N PHE A 58 12.20 0.33 5.41
CA PHE A 58 13.54 0.76 5.78
C PHE A 58 14.60 0.39 4.72
N TYR A 59 15.11 1.40 4.00
CA TYR A 59 16.12 1.15 2.97
C TYR A 59 17.50 1.21 3.60
N PHE A 60 18.44 0.39 3.14
CA PHE A 60 18.30 -0.51 1.97
C PHE A 60 18.16 -1.98 2.36
N THR A 61 18.33 -2.30 3.65
CA THR A 61 18.33 -3.69 4.13
C THR A 61 17.47 -3.89 5.37
N GLY A 62 16.45 -3.06 5.52
CA GLY A 62 15.59 -3.16 6.68
C GLY A 62 16.28 -2.87 8.01
N VAL A 63 15.88 -3.62 9.05
CA VAL A 63 16.38 -3.44 10.43
C VAL A 63 17.02 -4.73 10.94
N GLN A 64 17.79 -4.61 12.01
CA GLN A 64 18.58 -5.73 12.53
C GLN A 64 17.89 -6.42 13.67
N ASP A 65 17.20 -5.60 14.47
CA ASP A 65 16.43 -6.05 15.62
C ASP A 65 15.50 -4.91 16.08
N ILE A 66 14.79 -5.16 17.15
CA ILE A 66 13.76 -4.27 17.65
C ILE A 66 14.34 -2.96 18.24
N ASN A 67 15.64 -2.95 18.51
CA ASN A 67 16.35 -1.81 19.11
C ASN A 67 17.10 -0.92 18.13
N ASP A 68 17.03 -1.28 16.85
CA ASP A 68 17.65 -0.57 15.77
C ASP A 68 17.13 0.87 15.78
N LYS A 69 18.05 1.81 15.83
CA LYS A 69 17.71 3.23 15.87
C LYS A 69 16.94 3.68 14.61
N ARG A 70 17.01 2.89 13.54
CA ARG A 70 16.28 3.20 12.30
C ARG A 70 14.78 3.38 12.57
N PHE A 71 14.24 2.64 13.54
CA PHE A 71 12.84 2.82 13.90
C PHE A 71 12.60 4.28 14.31
N GLN A 72 13.52 4.83 15.09
CA GLN A 72 13.41 6.23 15.51
C GLN A 72 13.77 7.21 14.39
N GLU A 73 14.85 6.98 13.69
CA GLU A 73 15.40 7.99 12.79
C GLU A 73 14.66 8.07 11.47
N THR A 74 14.18 6.94 10.97
CA THR A 74 13.47 6.89 9.68
C THR A 74 11.95 6.90 9.84
N PHE A 75 11.43 6.42 10.97
CA PHE A 75 9.98 6.42 11.22
C PHE A 75 9.49 7.40 12.28
N GLU A 76 9.80 7.19 13.55
CA GLU A 76 9.14 7.92 14.62
C GLU A 76 9.37 9.42 14.47
N ASP A 77 10.63 9.81 14.30
CA ASP A 77 11.01 11.23 14.21
C ASP A 77 10.59 11.94 12.93
N VAL A 78 10.30 11.19 11.88
CA VAL A 78 9.93 11.81 10.60
C VAL A 78 8.44 12.09 10.59
N PHE A 79 7.67 11.11 11.04
CA PHE A 79 6.23 11.22 11.09
C PHE A 79 5.82 11.66 12.48
N SER A 80 6.28 12.86 12.84
CA SER A 80 6.20 13.35 14.20
C SER A 80 5.23 14.51 14.40
N ASP A 81 4.64 15.07 13.34
CA ASP A 81 3.64 16.13 13.53
C ASP A 81 2.51 15.64 14.44
N ARG A 82 2.05 16.53 15.32
CA ARG A 82 1.06 16.18 16.34
C ARG A 82 -0.29 15.68 15.77
N SER A 83 -0.64 16.09 14.55
CA SER A 83 -1.85 15.53 13.93
C SER A 83 -1.73 14.05 13.50
N LEU A 84 -0.54 13.46 13.65
CA LEU A 84 -0.28 12.07 13.24
C LEU A 84 -0.03 11.16 14.41
N ARG A 85 0.28 11.72 15.57
CA ARG A 85 0.84 10.94 16.67
C ARG A 85 0.05 9.70 17.11
N LYS A 86 -1.28 9.75 17.02
CA LYS A 86 -2.13 8.67 17.48
C LYS A 86 -2.77 7.86 16.34
N VAL A 87 -2.59 8.30 15.10
CA VAL A 87 -3.16 7.61 13.95
C VAL A 87 -2.40 6.29 13.76
N PRO A 88 -3.10 5.14 13.83
CA PRO A 88 -2.42 3.85 13.65
C PRO A 88 -1.92 3.63 12.23
N TRP A 89 -0.81 2.93 12.14
CA TRP A 89 -0.27 2.43 10.88
C TRP A 89 -0.49 0.92 10.85
N TYR A 90 -0.94 0.41 9.72
CA TYR A 90 -1.00 -1.02 9.47
C TYR A 90 0.01 -1.26 8.35
N VAL A 91 0.95 -2.16 8.62
CA VAL A 91 2.18 -2.31 7.86
C VAL A 91 2.30 -3.70 7.23
N LEU A 92 2.98 -3.76 6.07
CA LEU A 92 3.45 -5.02 5.51
C LEU A 92 4.87 -4.80 5.00
N ALA A 93 5.55 -5.91 4.71
CA ALA A 93 6.94 -5.90 4.27
C ALA A 93 7.11 -5.89 2.77
N GLY A 94 8.18 -5.24 2.34
CA GLY A 94 8.65 -5.35 0.97
C GLY A 94 9.96 -6.05 0.85
N ASN A 95 10.49 -6.07 -0.37
CA ASN A 95 11.73 -6.78 -0.63
C ASN A 95 12.92 -6.36 0.26
N HIS A 96 13.10 -5.07 0.42
CA HIS A 96 14.22 -4.58 1.20
C HIS A 96 14.10 -4.94 2.70
N ASP A 97 12.88 -5.09 3.20
CA ASP A 97 12.65 -5.48 4.60
C ASP A 97 13.06 -6.93 4.88
N HIS A 98 12.90 -7.79 3.87
CA HIS A 98 13.26 -9.19 3.96
C HIS A 98 14.76 -9.41 3.81
N LEU A 99 15.51 -8.39 3.43
CA LEU A 99 16.96 -8.46 3.47
C LEU A 99 17.49 -8.30 4.90
N GLY A 100 16.64 -7.84 5.80
CA GLY A 100 16.99 -7.78 7.20
C GLY A 100 16.10 -8.69 8.02
N ASN A 101 15.99 -8.35 9.30
CA ASN A 101 15.14 -8.99 10.29
C ASN A 101 13.68 -8.49 10.25
N VAL A 102 12.87 -9.13 9.43
CA VAL A 102 11.45 -8.81 9.35
C VAL A 102 10.72 -9.09 10.65
N SER A 103 11.16 -10.11 11.39
CA SER A 103 10.48 -10.44 12.64
C SER A 103 10.59 -9.30 13.63
N ALA A 104 11.66 -8.51 13.53
CA ALA A 104 11.82 -7.35 14.37
C ALA A 104 10.76 -6.26 14.09
N GLN A 105 10.32 -6.14 12.84
CA GLN A 105 9.30 -5.20 12.46
C GLN A 105 7.93 -5.66 12.97
N ILE A 106 7.71 -6.97 13.07
CA ILE A 106 6.49 -7.49 13.69
C ILE A 106 6.51 -7.22 15.18
N ALA A 107 7.60 -7.57 15.83
CA ALA A 107 7.76 -7.36 17.27
C ALA A 107 7.67 -5.89 17.71
N TYR A 108 8.09 -4.96 16.86
CA TYR A 108 8.02 -3.55 17.20
C TYR A 108 6.57 -3.10 17.48
N SER A 109 5.59 -3.83 16.96
CA SER A 109 4.18 -3.64 17.32
C SER A 109 3.93 -3.59 18.84
N LYS A 110 4.70 -4.33 19.62
CA LYS A 110 4.56 -4.40 21.09
C LYS A 110 5.15 -3.19 21.83
N ILE A 111 6.03 -2.46 21.16
CA ILE A 111 6.70 -1.29 21.70
C ILE A 111 6.03 0.05 21.35
N SER A 112 5.69 0.27 20.07
CA SER A 112 5.08 1.52 19.59
C SER A 112 3.59 1.28 19.38
N LYS A 113 2.75 2.03 20.10
CA LYS A 113 1.30 1.92 20.04
C LYS A 113 0.77 2.05 18.60
N ARG A 114 1.30 3.00 17.84
CA ARG A 114 0.80 3.28 16.50
C ARG A 114 1.25 2.30 15.40
N TRP A 115 2.28 1.48 15.65
CA TRP A 115 2.79 0.53 14.66
C TRP A 115 2.08 -0.81 14.78
N ASN A 116 1.39 -1.23 13.72
CA ASN A 116 0.62 -2.46 13.78
C ASN A 116 1.10 -3.33 12.68
N PHE A 117 1.71 -4.47 13.05
CA PHE A 117 2.24 -5.45 12.11
C PHE A 117 2.22 -6.81 12.79
N PRO A 118 1.04 -7.40 12.94
CA PRO A 118 0.88 -8.57 13.83
C PRO A 118 1.47 -9.85 13.27
N SER A 119 1.53 -9.99 11.95
CA SER A 119 2.11 -11.17 11.32
C SER A 119 2.46 -10.85 9.88
N PRO A 120 3.21 -11.71 9.19
CA PRO A 120 3.61 -11.40 7.80
C PRO A 120 2.43 -11.16 6.87
N PHE A 121 1.37 -11.93 7.07
CA PHE A 121 0.11 -11.70 6.39
C PHE A 121 -1.06 -11.82 7.36
N TYR A 122 -2.10 -10.99 7.13
CA TYR A 122 -3.19 -10.87 8.07
C TYR A 122 -4.39 -10.17 7.47
N ARG A 123 -5.50 -10.26 8.19
CA ARG A 123 -6.78 -9.70 7.80
C ARG A 123 -7.11 -8.53 8.74
N LEU A 124 -7.59 -7.43 8.17
CA LEU A 124 -8.18 -6.34 8.90
C LEU A 124 -9.65 -6.19 8.55
N HIS A 125 -10.45 -5.78 9.55
CA HIS A 125 -11.89 -5.58 9.41
C HIS A 125 -12.26 -4.22 9.98
N PHE A 126 -12.95 -3.39 9.22
CA PHE A 126 -13.44 -2.08 9.68
C PHE A 126 -14.92 -1.87 9.35
N LYS A 127 -15.62 -1.10 10.18
CA LYS A 127 -16.90 -0.53 9.83
C LYS A 127 -16.72 0.91 9.36
N ILE A 128 -17.51 1.33 8.39
CA ILE A 128 -17.64 2.74 8.11
C ILE A 128 -18.41 3.30 9.31
N PRO A 129 -17.83 4.23 10.08
CA PRO A 129 -18.47 4.62 11.35
C PRO A 129 -19.85 5.22 11.12
N GLN A 130 -20.75 4.96 12.05
CA GLN A 130 -22.14 5.43 12.00
C GLN A 130 -22.99 4.74 10.92
N THR A 131 -22.47 3.63 10.36
CA THR A 131 -23.22 2.76 9.45
C THR A 131 -23.04 1.28 9.83
N ASN A 132 -23.73 0.43 9.08
CA ASN A 132 -23.60 -1.02 9.10
C ASN A 132 -22.66 -1.58 7.99
N VAL A 133 -22.07 -0.71 7.18
CA VAL A 133 -21.25 -1.11 6.04
C VAL A 133 -19.82 -1.44 6.50
N SER A 134 -19.27 -2.54 5.99
CA SER A 134 -17.97 -3.03 6.47
C SER A 134 -16.98 -3.28 5.33
N VAL A 135 -15.70 -3.23 5.69
CA VAL A 135 -14.59 -3.29 4.78
C VAL A 135 -13.59 -4.29 5.32
N ALA A 136 -13.12 -5.18 4.46
CA ALA A 136 -11.99 -6.03 4.79
C ALA A 136 -10.79 -5.68 3.93
N ILE A 137 -9.62 -5.75 4.56
CA ILE A 137 -8.35 -5.58 3.87
C ILE A 137 -7.46 -6.75 4.22
N PHE A 138 -6.97 -7.44 3.18
CA PHE A 138 -6.02 -8.53 3.34
C PHE A 138 -4.64 -8.04 3.00
N MET A 139 -3.77 -8.15 3.99
CA MET A 139 -2.37 -7.72 3.90
C MET A 139 -1.50 -8.93 3.63
N LEU A 140 -0.83 -8.91 2.48
CA LEU A 140 -0.05 -10.03 2.02
C LEU A 140 1.42 -9.73 2.17
N ASP A 141 2.19 -10.81 2.34
CA ASP A 141 3.63 -10.79 2.28
C ASP A 141 4.03 -11.37 0.92
N THR A 142 4.23 -10.50 -0.07
CA THR A 142 4.49 -10.96 -1.44
C THR A 142 5.91 -11.52 -1.64
N VAL A 143 6.82 -11.23 -0.73
CA VAL A 143 8.15 -11.82 -0.81
C VAL A 143 8.10 -13.32 -0.54
N THR A 144 7.36 -13.76 0.48
CA THR A 144 7.30 -15.19 0.75
C THR A 144 6.41 -15.93 -0.27
N LEU A 145 5.55 -15.19 -0.93
CA LEU A 145 4.69 -15.73 -1.97
C LEU A 145 5.45 -15.94 -3.26
N CYS A 146 6.31 -14.98 -3.66
CA CYS A 146 6.92 -14.93 -4.98
C CYS A 146 8.44 -15.05 -5.03
N GLY A 147 9.10 -14.81 -3.89
CA GLY A 147 10.52 -14.60 -3.86
C GLY A 147 10.87 -13.12 -3.70
N ASN A 148 12.14 -12.87 -3.42
CA ASN A 148 12.70 -11.55 -3.25
C ASN A 148 13.34 -11.10 -4.58
N SER A 149 12.91 -9.95 -5.06
CA SER A 149 13.37 -9.40 -6.33
C SER A 149 14.87 -9.13 -6.36
N ASP A 150 15.45 -8.83 -5.20
CA ASP A 150 16.89 -8.57 -5.09
C ASP A 150 17.80 -9.80 -5.25
N ASP A 151 17.23 -11.00 -5.18
CA ASP A 151 17.97 -12.26 -5.48
C ASP A 151 18.23 -12.54 -6.98
N PHE A 152 17.56 -11.80 -7.85
CA PHE A 152 17.64 -12.07 -9.29
C PHE A 152 18.11 -10.83 -10.05
N LEU A 153 18.91 -11.05 -11.10
CA LEU A 153 19.46 -9.96 -11.93
C LEU A 153 18.37 -9.17 -12.62
N SER A 154 17.36 -9.88 -13.13
CA SER A 154 16.13 -9.28 -13.68
C SER A 154 15.32 -8.37 -12.71
N GLN A 155 15.53 -8.53 -11.39
CA GLN A 155 14.75 -7.84 -10.35
C GLN A 155 13.27 -8.20 -10.47
N GLN A 156 13.05 -9.45 -10.82
CA GLN A 156 11.75 -10.01 -10.98
C GLN A 156 11.84 -11.25 -10.08
N PRO A 157 10.92 -11.39 -9.13
CA PRO A 157 10.95 -12.53 -8.23
C PRO A 157 10.54 -13.79 -8.99
N GLU A 158 11.51 -14.65 -9.27
CA GLU A 158 11.29 -15.80 -10.13
C GLU A 158 10.88 -17.07 -9.38
N ARG A 159 11.23 -17.18 -8.11
CA ARG A 159 10.75 -18.31 -7.30
C ARG A 159 10.79 -17.97 -5.83
N PRO A 160 9.84 -18.48 -5.09
CA PRO A 160 9.88 -18.35 -3.64
C PRO A 160 10.98 -19.21 -3.08
N ARG A 161 11.47 -18.83 -1.91
CA ARG A 161 12.52 -19.56 -1.22
C ARG A 161 11.93 -20.86 -0.71
N ASP A 162 10.68 -20.82 -0.27
CA ASP A 162 10.02 -22.00 0.30
C ASP A 162 8.62 -22.14 -0.32
N VAL A 163 8.50 -23.09 -1.23
CA VAL A 163 7.27 -23.32 -1.98
C VAL A 163 6.06 -23.65 -1.09
N LYS A 164 6.25 -24.43 -0.03
CA LYS A 164 5.13 -24.80 0.85
C LYS A 164 4.59 -23.60 1.66
N LEU A 165 5.49 -22.69 2.01
CA LEU A 165 5.12 -21.47 2.72
C LEU A 165 4.31 -20.54 1.81
N ALA A 166 4.76 -20.43 0.56
CA ALA A 166 4.03 -19.71 -0.47
C ALA A 166 2.62 -20.27 -0.66
N ARG A 167 2.50 -21.59 -0.74
CA ARG A 167 1.25 -22.26 -1.03
C ARG A 167 0.32 -22.09 0.17
N THR A 168 0.88 -22.02 1.36
CA THR A 168 0.07 -21.85 2.55
C THR A 168 -0.57 -20.47 2.58
N GLN A 169 0.18 -19.44 2.20
CA GLN A 169 -0.37 -18.10 2.17
C GLN A 169 -1.48 -18.00 1.12
N LEU A 170 -1.27 -18.62 -0.03
CA LEU A 170 -2.26 -18.57 -1.10
C LEU A 170 -3.52 -19.32 -0.73
N SER A 171 -3.40 -20.49 -0.12
CA SER A 171 -4.56 -21.24 0.34
C SER A 171 -5.33 -20.48 1.42
N TRP A 172 -4.60 -19.89 2.35
CA TRP A 172 -5.21 -18.97 3.35
C TRP A 172 -5.98 -17.85 2.70
N LEU A 173 -5.38 -17.22 1.70
CA LEU A 173 -6.07 -16.12 1.03
C LEU A 173 -7.34 -16.61 0.33
N LYS A 174 -7.31 -17.79 -0.28
CA LYS A 174 -8.48 -18.33 -0.97
C LYS A 174 -9.61 -18.61 0.00
N LYS A 175 -9.31 -19.27 1.11
CA LYS A 175 -10.30 -19.57 2.14
C LYS A 175 -10.94 -18.29 2.69
N GLN A 176 -10.11 -17.27 2.91
CA GLN A 176 -10.59 -15.98 3.40
C GLN A 176 -11.45 -15.22 2.40
N LEU A 177 -11.00 -15.12 1.15
CA LEU A 177 -11.77 -14.38 0.15
C LEU A 177 -13.15 -15.01 -0.07
N ALA A 178 -13.18 -16.35 -0.09
CA ALA A 178 -14.38 -17.13 -0.32
C ALA A 178 -15.40 -16.93 0.79
N ALA A 179 -14.93 -16.70 2.01
CA ALA A 179 -15.78 -16.58 3.18
C ALA A 179 -16.03 -15.14 3.60
N ALA A 180 -15.42 -14.17 2.91
CA ALA A 180 -15.57 -12.75 3.28
C ALA A 180 -16.98 -12.26 2.97
N ARG A 181 -17.63 -11.68 3.98
CA ARG A 181 -19.00 -11.17 3.84
C ARG A 181 -19.04 -9.66 3.86
N GLU A 182 -17.86 -9.03 3.94
CA GLU A 182 -17.78 -7.59 3.99
C GLU A 182 -18.24 -7.01 2.69
N ASP A 183 -18.80 -5.80 2.77
CA ASP A 183 -19.29 -5.07 1.60
C ASP A 183 -18.20 -4.63 0.63
N TYR A 184 -16.99 -4.39 1.12
CA TYR A 184 -15.85 -4.03 0.28
C TYR A 184 -14.69 -4.89 0.70
N VAL A 185 -13.96 -5.45 -0.26
CA VAL A 185 -12.79 -6.26 0.02
C VAL A 185 -11.63 -5.66 -0.75
N LEU A 186 -10.54 -5.37 -0.04
CA LEU A 186 -9.32 -4.86 -0.63
C LEU A 186 -8.22 -5.83 -0.31
N VAL A 187 -7.26 -5.93 -1.22
CA VAL A 187 -6.05 -6.70 -0.99
C VAL A 187 -4.87 -5.76 -1.20
N ALA A 188 -3.84 -5.93 -0.38
CA ALA A 188 -2.63 -5.11 -0.42
C ALA A 188 -1.42 -6.02 -0.37
N GLY A 189 -0.36 -5.62 -1.08
CA GLY A 189 0.92 -6.27 -1.06
C GLY A 189 2.00 -5.33 -1.57
N HIS A 190 3.27 -5.67 -1.40
CA HIS A 190 4.34 -4.79 -1.87
C HIS A 190 4.44 -4.83 -3.38
N TYR A 191 4.53 -6.02 -3.98
CA TYR A 191 4.72 -6.13 -5.44
C TYR A 191 3.43 -5.82 -6.22
N PRO A 192 3.57 -5.21 -7.39
CA PRO A 192 2.43 -4.97 -8.28
C PRO A 192 1.93 -6.22 -8.99
N VAL A 193 0.64 -6.20 -9.35
CA VAL A 193 0.12 -7.07 -10.38
C VAL A 193 0.46 -6.41 -11.73
N TRP A 194 -0.12 -5.24 -11.97
CA TRP A 194 0.20 -4.44 -13.14
C TRP A 194 0.94 -3.19 -12.73
N SER A 195 1.87 -2.79 -13.59
CA SER A 195 2.63 -1.55 -13.50
C SER A 195 3.42 -1.38 -14.80
N ILE A 196 3.52 -0.13 -15.27
CA ILE A 196 4.18 0.19 -16.53
C ILE A 196 5.64 0.60 -16.35
N ALA A 197 6.13 0.57 -15.09
CA ALA A 197 7.42 1.19 -14.77
C ALA A 197 8.60 0.19 -14.69
N GLU A 198 9.55 0.46 -13.81
CA GLU A 198 10.91 -0.09 -13.89
C GLU A 198 10.93 -1.58 -13.60
N HIS A 199 10.12 -2.03 -12.64
CA HIS A 199 9.98 -3.48 -12.39
C HIS A 199 8.86 -4.10 -13.25
N GLY A 200 7.76 -3.36 -13.40
CA GLY A 200 6.62 -3.80 -14.20
C GLY A 200 5.75 -4.83 -13.52
N PRO A 201 4.88 -5.51 -14.30
CA PRO A 201 4.02 -6.56 -13.74
C PRO A 201 4.84 -7.65 -13.06
N THR A 202 4.33 -8.17 -11.95
CA THR A 202 4.96 -9.28 -11.25
C THR A 202 4.28 -10.55 -11.73
N HIS A 203 5.02 -11.35 -12.51
CA HIS A 203 4.43 -12.51 -13.17
C HIS A 203 3.79 -13.50 -12.18
N CYS A 204 4.43 -13.69 -11.04
CA CYS A 204 3.88 -14.53 -9.98
C CYS A 204 2.49 -14.06 -9.52
N LEU A 205 2.28 -12.74 -9.47
CA LEU A 205 0.98 -12.20 -9.04
C LEU A 205 -0.03 -12.17 -10.18
N VAL A 206 0.42 -11.96 -11.41
CA VAL A 206 -0.49 -12.05 -12.56
C VAL A 206 -1.04 -13.48 -12.72
N LYS A 207 -0.21 -14.48 -12.49
CA LYS A 207 -0.63 -15.89 -12.60
C LYS A 207 -1.51 -16.33 -11.42
N GLN A 208 -1.07 -16.02 -10.19
CA GLN A 208 -1.65 -16.62 -8.99
C GLN A 208 -2.66 -15.75 -8.25
N LEU A 209 -2.46 -14.44 -8.24
CA LEU A 209 -3.33 -13.55 -7.49
C LEU A 209 -4.47 -12.94 -8.33
N ARG A 210 -4.14 -12.51 -9.55
CA ARG A 210 -5.12 -11.82 -10.39
C ARG A 210 -6.44 -12.60 -10.58
N PRO A 211 -6.40 -13.91 -10.85
CA PRO A 211 -7.64 -14.66 -11.05
C PRO A 211 -8.57 -14.55 -9.86
N LEU A 212 -8.01 -14.59 -8.65
CA LEU A 212 -8.81 -14.50 -7.42
C LEU A 212 -9.50 -13.13 -7.23
N LEU A 213 -8.89 -12.07 -7.74
CA LEU A 213 -9.48 -10.73 -7.57
C LEU A 213 -10.82 -10.63 -8.26
N ALA A 214 -10.93 -11.14 -9.49
CA ALA A 214 -12.21 -11.19 -10.20
C ALA A 214 -13.18 -12.22 -9.58
N THR A 215 -12.72 -13.44 -9.35
CA THR A 215 -13.59 -14.49 -8.80
C THR A 215 -14.35 -14.03 -7.55
N TYR A 216 -13.67 -13.31 -6.66
CA TYR A 216 -14.22 -13.03 -5.35
C TYR A 216 -14.61 -11.59 -5.12
N GLY A 217 -14.64 -10.78 -6.18
CA GLY A 217 -15.19 -9.43 -6.12
C GLY A 217 -14.42 -8.45 -5.26
N VAL A 218 -13.11 -8.47 -5.41
CA VAL A 218 -12.23 -7.55 -4.72
C VAL A 218 -12.38 -6.22 -5.42
N THR A 219 -12.55 -5.15 -4.66
CA THR A 219 -12.65 -3.83 -5.22
C THR A 219 -11.30 -3.37 -5.81
N ALA A 220 -10.21 -3.51 -5.05
CA ALA A 220 -8.93 -3.04 -5.51
C ALA A 220 -7.76 -3.80 -4.88
N TYR A 221 -6.64 -3.80 -5.60
CA TYR A 221 -5.37 -4.26 -5.11
C TYR A 221 -4.46 -3.05 -4.95
N LEU A 222 -3.89 -2.88 -3.76
CA LEU A 222 -3.00 -1.74 -3.49
C LEU A 222 -1.56 -2.22 -3.36
N CYS A 223 -0.61 -1.46 -3.89
CA CYS A 223 0.79 -1.84 -3.86
C CYS A 223 1.77 -0.68 -3.99
N GLY A 224 3.06 -0.95 -3.77
CA GLY A 224 4.11 -0.03 -4.15
C GLY A 224 5.13 -0.68 -5.06
N HIS A 225 6.38 -0.72 -4.59
CA HIS A 225 7.53 -1.37 -5.24
C HIS A 225 8.11 -0.63 -6.48
N ASP A 226 7.24 -0.23 -7.40
CA ASP A 226 7.61 0.78 -8.41
C ASP A 226 7.46 2.18 -7.79
N HIS A 227 8.49 2.98 -7.93
CA HIS A 227 8.62 4.25 -7.24
C HIS A 227 7.99 5.40 -8.02
N ASN A 228 6.67 5.37 -8.08
CA ASN A 228 5.86 6.34 -8.78
C ASN A 228 4.42 6.13 -8.34
N LEU A 229 3.52 6.85 -8.99
CA LEU A 229 2.09 6.75 -8.75
C LEU A 229 1.39 6.30 -10.05
N GLN A 230 0.53 5.30 -9.94
CA GLN A 230 -0.27 4.79 -11.05
C GLN A 230 -1.67 4.41 -10.59
N TYR A 231 -2.64 4.60 -11.49
CA TYR A 231 -3.94 3.97 -11.37
C TYR A 231 -4.20 3.14 -12.60
N LEU A 232 -4.56 1.87 -12.40
CA LEU A 232 -5.01 1.00 -13.48
C LEU A 232 -6.30 0.28 -13.10
N GLN A 233 -7.05 -0.11 -14.12
CA GLN A 233 -8.34 -0.79 -13.98
C GLN A 233 -8.48 -1.82 -15.10
N ASP A 234 -8.84 -3.05 -14.76
CA ASP A 234 -9.00 -4.11 -15.76
C ASP A 234 -10.46 -4.22 -16.22
N GLU A 235 -10.73 -5.18 -17.11
CA GLU A 235 -12.05 -5.32 -17.75
C GLU A 235 -13.14 -5.75 -16.76
N ASN A 236 -12.74 -6.42 -15.67
CA ASN A 236 -13.67 -6.81 -14.60
C ASN A 236 -13.99 -5.69 -13.61
N GLY A 237 -13.44 -4.49 -13.79
CA GLY A 237 -13.65 -3.36 -12.87
C GLY A 237 -12.80 -3.32 -11.59
N VAL A 238 -11.73 -4.12 -11.54
CA VAL A 238 -10.84 -4.15 -10.40
C VAL A 238 -9.83 -3.05 -10.58
N GLY A 239 -9.68 -2.23 -9.53
CA GLY A 239 -8.68 -1.18 -9.51
C GLY A 239 -7.35 -1.64 -9.00
N TYR A 240 -6.30 -1.00 -9.52
CA TYR A 240 -4.92 -1.22 -9.11
C TYR A 240 -4.35 0.15 -8.75
N VAL A 241 -4.17 0.37 -7.45
CA VAL A 241 -3.65 1.59 -6.88
C VAL A 241 -2.21 1.30 -6.57
N LEU A 242 -1.30 1.95 -7.28
CA LEU A 242 0.10 1.83 -7.02
C LEU A 242 0.60 3.14 -6.39
N SER A 243 1.15 3.06 -5.18
CA SER A 243 1.62 4.22 -4.42
C SER A 243 2.95 3.84 -3.77
N GLY A 244 4.04 4.07 -4.50
CA GLY A 244 5.38 3.78 -4.03
C GLY A 244 6.37 4.94 -4.17
N ALA A 245 5.86 6.15 -3.93
CA ALA A 245 6.59 7.41 -4.13
C ALA A 245 6.82 8.17 -2.81
N GLY A 246 6.91 7.46 -1.69
CA GLY A 246 7.16 8.11 -0.42
C GLY A 246 8.59 8.59 -0.17
N ASN A 247 9.54 8.21 -1.04
CA ASN A 247 10.98 8.45 -0.84
C ASN A 247 11.78 8.66 -2.13
N PHE A 248 11.39 7.97 -3.20
CA PHE A 248 12.02 8.08 -4.51
C PHE A 248 10.96 8.40 -5.57
N MET A 249 11.42 8.97 -6.69
CA MET A 249 10.62 9.04 -7.91
C MET A 249 11.42 8.53 -9.10
N ASP A 250 10.84 7.55 -9.81
CA ASP A 250 11.47 6.96 -10.98
C ASP A 250 10.52 7.18 -12.14
N PRO A 251 10.97 7.86 -13.20
CA PRO A 251 10.12 8.12 -14.39
C PRO A 251 10.02 7.00 -15.41
N SER A 252 10.69 5.89 -15.16
CA SER A 252 10.68 4.77 -16.11
C SER A 252 9.27 4.42 -16.58
N LYS A 253 9.14 4.25 -17.88
CA LYS A 253 7.93 3.69 -18.49
C LYS A 253 8.34 2.45 -19.28
N ARG A 254 9.27 1.71 -18.71
CA ARG A 254 9.93 0.58 -19.37
C ARG A 254 9.00 -0.55 -19.74
N HIS A 255 8.03 -0.83 -18.87
CA HIS A 255 7.11 -1.95 -19.08
C HIS A 255 5.75 -1.51 -19.58
N GLN A 256 5.69 -0.31 -20.17
CA GLN A 256 4.43 0.21 -20.70
C GLN A 256 3.74 -0.81 -21.59
N ARG A 257 4.52 -1.49 -22.42
CA ARG A 257 3.94 -2.40 -23.40
C ARG A 257 3.59 -3.79 -22.83
N LYS A 258 4.08 -4.11 -21.63
CA LYS A 258 3.72 -5.37 -20.99
C LYS A 258 2.37 -5.34 -20.27
N VAL A 259 1.69 -4.19 -20.29
CA VAL A 259 0.39 -4.06 -19.66
C VAL A 259 -0.70 -4.01 -20.73
N PRO A 260 -1.76 -4.82 -20.60
CA PRO A 260 -2.83 -4.84 -21.61
C PRO A 260 -3.39 -3.46 -21.91
N ASN A 261 -3.78 -3.23 -23.16
CA ASN A 261 -4.32 -1.94 -23.59
C ASN A 261 -5.60 -1.58 -22.84
N GLY A 262 -5.77 -0.31 -22.55
CA GLY A 262 -6.93 0.16 -21.80
C GLY A 262 -6.72 0.25 -20.29
N TYR A 263 -5.76 -0.49 -19.76
CA TYR A 263 -5.60 -0.59 -18.28
C TYR A 263 -5.11 0.70 -17.60
N LEU A 264 -4.10 1.35 -18.15
CA LEU A 264 -3.51 2.55 -17.54
C LEU A 264 -4.45 3.76 -17.62
N ARG A 265 -4.93 4.24 -16.47
CA ARG A 265 -5.70 5.48 -16.44
C ARG A 265 -4.87 6.67 -15.97
N PHE A 266 -3.83 6.41 -15.18
CA PHE A 266 -3.02 7.49 -14.65
C PHE A 266 -1.62 7.04 -14.23
N HIS A 267 -0.66 7.88 -14.53
CA HIS A 267 0.74 7.67 -14.20
C HIS A 267 1.37 9.01 -13.99
N TYR A 268 2.19 9.09 -12.96
CA TYR A 268 2.94 10.27 -12.62
C TYR A 268 4.27 9.80 -12.08
N GLY A 269 5.35 10.18 -12.76
CA GLY A 269 6.67 9.76 -12.40
C GLY A 269 7.80 10.77 -12.52
N THR A 270 7.56 11.95 -13.09
CA THR A 270 8.61 12.97 -13.24
C THR A 270 9.58 13.03 -12.03
N GLU A 271 10.88 13.03 -12.31
CA GLU A 271 11.87 12.95 -11.24
C GLU A 271 12.14 14.29 -10.51
N ASP A 272 11.50 15.36 -10.95
CA ASP A 272 11.52 16.65 -10.25
C ASP A 272 10.64 16.63 -8.99
N SER A 273 9.50 15.94 -9.07
CA SER A 273 8.54 15.86 -7.98
C SER A 273 9.17 15.36 -6.67
N LEU A 274 8.58 15.77 -5.55
CA LEU A 274 8.98 15.29 -4.23
C LEU A 274 8.21 14.02 -3.83
N GLY A 275 7.42 13.49 -4.76
CA GLY A 275 6.71 12.24 -4.55
C GLY A 275 5.26 12.49 -4.18
N GLY A 276 4.65 11.49 -3.55
CA GLY A 276 3.24 11.55 -3.29
C GLY A 276 2.73 10.27 -2.72
N PHE A 277 1.42 10.26 -2.56
CA PHE A 277 0.75 9.13 -1.97
C PHE A 277 -0.70 9.20 -2.43
N ALA A 278 -1.48 8.24 -1.99
CA ALA A 278 -2.88 8.12 -2.32
C ALA A 278 -3.71 8.18 -1.06
N TYR A 279 -4.82 8.88 -1.16
CA TYR A 279 -5.82 9.05 -0.10
C TYR A 279 -7.11 8.33 -0.56
N VAL A 280 -7.65 7.48 0.28
CA VAL A 280 -8.81 6.67 -0.02
C VAL A 280 -9.93 7.01 0.93
N GLU A 281 -11.14 7.20 0.37
CA GLU A 281 -12.37 7.40 1.12
C GLU A 281 -13.33 6.31 0.73
N ILE A 282 -13.87 5.62 1.72
CA ILE A 282 -14.84 4.59 1.46
C ILE A 282 -16.15 4.97 2.14
N SER A 283 -17.17 5.21 1.33
CA SER A 283 -18.53 5.50 1.78
C SER A 283 -19.45 4.34 1.43
N SER A 284 -20.71 4.46 1.84
CA SER A 284 -21.71 3.44 1.53
C SER A 284 -21.94 3.29 0.04
N LYS A 285 -21.62 4.33 -0.73
CA LYS A 285 -21.89 4.34 -2.18
C LYS A 285 -20.70 3.88 -3.01
N GLU A 286 -19.52 4.30 -2.62
CA GLU A 286 -18.36 4.15 -3.47
C GLU A 286 -17.04 4.37 -2.73
N MET A 287 -15.96 3.91 -3.37
CA MET A 287 -14.63 4.12 -2.89
C MET A 287 -14.01 5.17 -3.80
N THR A 288 -13.48 6.23 -3.21
CA THR A 288 -12.83 7.29 -3.94
C THR A 288 -11.34 7.20 -3.66
N VAL A 289 -10.54 7.48 -4.69
CA VAL A 289 -9.08 7.49 -4.59
C VAL A 289 -8.55 8.75 -5.22
N THR A 290 -7.84 9.51 -4.40
CA THR A 290 -7.20 10.75 -4.79
C THR A 290 -5.69 10.54 -4.68
N TYR A 291 -4.97 10.85 -5.74
CA TYR A 291 -3.52 10.83 -5.66
C TYR A 291 -3.05 12.27 -5.44
N ILE A 292 -2.21 12.44 -4.43
CA ILE A 292 -1.79 13.76 -3.97
C ILE A 292 -0.27 13.83 -3.99
N GLU A 293 0.27 14.88 -4.59
CA GLU A 293 1.70 15.15 -4.56
C GLU A 293 2.09 15.77 -3.23
N ALA A 294 3.38 15.67 -2.89
CA ALA A 294 3.94 16.24 -1.67
C ALA A 294 3.98 17.76 -1.70
N SER A 295 3.85 18.35 -2.89
CA SER A 295 3.61 19.79 -3.05
C SER A 295 2.24 20.19 -2.49
N GLY A 296 1.28 19.28 -2.54
CA GLY A 296 -0.08 19.51 -2.08
C GLY A 296 -1.13 19.43 -3.18
N LYS A 297 -0.66 19.40 -4.43
CA LYS A 297 -1.53 19.29 -5.59
C LYS A 297 -2.31 17.95 -5.62
N SER A 298 -3.58 18.00 -6.03
CA SER A 298 -4.35 16.83 -6.41
C SER A 298 -4.03 16.49 -7.87
N LEU A 299 -3.44 15.31 -8.07
CA LEU A 299 -2.98 14.88 -9.39
C LEU A 299 -4.07 14.19 -10.17
N PHE A 300 -4.88 13.40 -9.49
CA PHE A 300 -5.87 12.53 -10.13
C PHE A 300 -6.89 11.99 -9.09
N LYS A 301 -8.10 11.75 -9.56
CA LYS A 301 -9.20 11.29 -8.74
C LYS A 301 -10.05 10.34 -9.58
N THR A 302 -10.39 9.20 -8.99
CA THR A 302 -11.31 8.24 -9.58
C THR A 302 -12.20 7.57 -8.52
N ARG A 303 -13.32 7.00 -8.95
CA ARG A 303 -14.25 6.30 -8.06
C ARG A 303 -14.48 4.86 -8.48
N LEU A 304 -14.71 4.02 -7.48
CA LEU A 304 -15.05 2.62 -7.71
C LEU A 304 -16.39 2.36 -7.04
N PRO A 305 -17.44 2.15 -7.81
CA PRO A 305 -18.74 1.87 -7.21
C PRO A 305 -18.66 0.67 -6.28
N ARG A 306 -19.51 0.68 -5.27
CA ARG A 306 -19.75 -0.50 -4.47
C ARG A 306 -20.46 -1.52 -5.32
N ARG A 307 -20.04 -2.78 -5.21
CA ARG A 307 -20.67 -3.85 -5.96
C ARG A 307 -21.20 -4.91 -5.02
N ALA A 308 -22.29 -5.54 -5.43
CA ALA A 308 -22.81 -6.73 -4.75
C ALA A 308 -21.83 -7.87 -4.96
N ARG A 309 -21.79 -8.77 -3.99
CA ARG A 309 -20.77 -9.82 -4.00
C ARG A 309 -21.38 -11.21 -3.85
N PRO A 310 -20.72 -12.23 -4.42
CA PRO A 310 -21.17 -13.63 -4.27
C PRO A 310 -20.93 -14.19 -2.87
FE FE B . 11.00 0.27 -3.04
FE FE C . 10.46 -2.88 -3.45
P PO4 D . 13.16 -1.45 -4.72
O1 PO4 D . 14.64 -1.73 -4.82
O2 PO4 D . 12.58 -1.12 -6.09
O3 PO4 D . 12.43 -2.69 -4.30
O4 PO4 D . 12.93 -0.38 -3.67
C1 NAG E . 15.66 -10.34 15.03
C2 NAG E . 16.84 -10.98 15.78
C3 NAG E . 16.47 -11.56 17.15
C4 NAG E . 15.74 -10.48 17.96
C5 NAG E . 14.60 -9.87 17.14
C6 NAG E . 13.90 -8.76 17.95
C7 NAG E . 18.68 -11.80 14.39
C8 NAG E . 19.05 -12.60 13.18
N2 NAG E . 17.47 -11.98 14.92
O3 NAG E . 17.62 -11.93 17.85
O4 NAG E . 15.15 -11.03 19.11
O5 NAG E . 15.12 -9.38 15.91
O6 NAG E . 14.86 -7.79 18.30
O7 NAG E . 19.50 -11.01 14.84
H1 NAG E . 14.93 -11.12 14.78
H2 NAG E . 17.56 -10.19 16.02
H3 NAG E . 15.84 -12.43 16.99
H4 NAG E . 16.47 -9.74 18.25
H5 NAG E . 13.88 -10.66 16.92
H61 NAG E . 13.39 -9.19 18.81
H62 NAG E . 13.14 -8.29 17.32
H81 NAG E . 19.91 -13.22 13.41
H82 NAG E . 19.30 -11.93 12.36
H83 NAG E . 18.21 -13.24 12.89
HN2 NAG E . 17.00 -12.86 14.81
#